data_8KI1
#
_entry.id   8KI1
#
_cell.length_a   99.597
_cell.length_b   99.597
_cell.length_c   90.473
_cell.angle_alpha   90.000
_cell.angle_beta   90.000
_cell.angle_gamma   120.000
#
_symmetry.space_group_name_H-M   'P 65'
#
loop_
_entity.id
_entity.type
_entity.pdbx_description
1 polymer 'Heme acquisition protein HasAp'
2 non-polymer 'PROTOPORPHYRIN IX CONTAINING FE'
3 non-polymer GLYCEROL
4 non-polymer 'PHOSPHATE ION'
5 water water
#
_entity_poly.entity_id   1
_entity_poly.type   'polypeptide(L)'
_entity_poly.pdbx_seq_one_letter_code
;GSMSISISYSATYGGNTVAQYLTDWSAYFGDVNHRPGEVVDGTNTGGFNPGPFDGTQYAIKSTASDAAFVADGNLHYTLF
SNPSHTLWGSVDTISLGDTLAGGSGSNYNLVSQEVSFTNLGLNSLKEEGRAGEVHKVVYGLMSGDSSALAGEIDALLKAI
DPSLSVNSTFDDLAAAGVAHVNPAA
;
_entity_poly.pdbx_strand_id   A,B
#
# COMPACT_ATOMS: atom_id res chain seq x y z
N MET A 3 29.80 -2.72 -10.64
CA MET A 3 28.79 -1.78 -11.17
C MET A 3 28.24 -0.95 -10.01
N SER A 4 28.12 0.37 -10.22
N SER A 4 28.09 0.36 -10.24
CA SER A 4 27.58 1.29 -9.22
CA SER A 4 27.56 1.33 -9.28
C SER A 4 26.08 1.05 -9.03
C SER A 4 26.06 1.08 -9.05
N ILE A 5 25.60 1.34 -7.82
CA ILE A 5 24.18 1.24 -7.47
C ILE A 5 23.36 2.05 -8.47
N SER A 6 22.20 1.50 -8.81
CA SER A 6 21.23 2.19 -9.62
C SER A 6 19.86 2.00 -8.96
N ILE A 7 19.06 3.05 -8.95
CA ILE A 7 17.81 3.10 -8.19
C ILE A 7 16.69 3.46 -9.15
N SER A 8 15.58 2.72 -9.10
CA SER A 8 14.35 3.17 -9.76
C SER A 8 13.29 3.50 -8.71
N TYR A 9 12.48 4.53 -8.98
CA TYR A 9 11.50 4.95 -8.01
C TYR A 9 10.26 5.48 -8.72
N SER A 10 9.11 5.24 -8.09
N SER A 10 9.10 5.25 -8.09
CA SER A 10 7.86 5.87 -8.45
CA SER A 10 7.87 5.88 -8.49
C SER A 10 7.94 7.37 -8.15
C SER A 10 7.93 7.37 -8.16
N ALA A 11 7.46 8.19 -9.11
CA ALA A 11 7.50 9.65 -9.02
C ALA A 11 6.88 10.14 -7.71
N THR A 12 5.93 9.37 -7.18
CA THR A 12 5.28 9.69 -5.92
C THR A 12 6.29 10.00 -4.82
N TYR A 13 7.46 9.35 -4.83
CA TYR A 13 8.42 9.44 -3.72
C TYR A 13 9.61 10.35 -4.06
N GLY A 14 9.54 11.06 -5.19
CA GLY A 14 10.63 11.91 -5.67
C GLY A 14 11.17 12.84 -4.61
N GLY A 15 10.27 13.38 -3.79
CA GLY A 15 10.63 14.40 -2.78
C GLY A 15 10.98 13.81 -1.42
N ASN A 16 10.89 12.48 -1.28
CA ASN A 16 11.33 11.75 -0.06
C ASN A 16 12.84 11.51 -0.07
N THR A 17 13.49 11.67 1.09
CA THR A 17 14.82 11.11 1.29
C THR A 17 14.73 9.58 1.21
N VAL A 18 15.83 8.95 0.81
CA VAL A 18 15.86 7.49 0.78
C VAL A 18 15.63 6.97 2.21
N ALA A 19 16.32 7.58 3.19
CA ALA A 19 16.21 7.18 4.61
C ALA A 19 14.75 7.24 5.07
N GLN A 20 14.08 8.34 4.75
CA GLN A 20 12.71 8.57 5.20
C GLN A 20 11.78 7.56 4.52
N TYR A 21 12.01 7.32 3.22
CA TYR A 21 11.18 6.37 2.52
C TYR A 21 11.33 4.97 3.18
N LEU A 22 12.55 4.57 3.52
CA LEU A 22 12.81 3.25 4.05
C LEU A 22 12.17 3.12 5.44
N THR A 23 12.25 4.17 6.27
CA THR A 23 11.59 4.21 7.58
C THR A 23 10.07 4.02 7.42
N ASP A 24 9.47 4.76 6.50
CA ASP A 24 8.05 4.76 6.31
C ASP A 24 7.59 3.40 5.74
N TRP A 25 8.32 2.89 4.75
CA TRP A 25 7.97 1.64 4.18
C TRP A 25 8.03 0.53 5.25
N SER A 26 9.08 0.55 6.07
N SER A 26 9.08 0.57 6.07
CA SER A 26 9.28 -0.44 7.10
CA SER A 26 9.28 -0.43 7.11
C SER A 26 8.16 -0.35 8.15
C SER A 26 8.14 -0.37 8.13
N ALA A 27 7.70 0.86 8.45
CA ALA A 27 6.60 1.08 9.40
C ALA A 27 5.31 0.47 8.82
N TYR A 28 5.15 0.57 7.51
CA TYR A 28 4.01 0.06 6.80
C TYR A 28 4.08 -1.48 6.69
N PHE A 29 5.23 -2.04 6.33
CA PHE A 29 5.40 -3.51 6.29
C PHE A 29 5.26 -4.11 7.70
N GLY A 30 5.79 -3.38 8.67
CA GLY A 30 5.81 -3.80 10.07
C GLY A 30 6.84 -4.90 10.28
N ASP A 31 6.47 -5.84 11.13
CA ASP A 31 7.32 -6.94 11.58
C ASP A 31 6.52 -8.23 11.39
N VAL A 32 7.02 -9.18 10.61
CA VAL A 32 6.22 -10.39 10.41
C VAL A 32 6.38 -11.37 11.58
N ASN A 33 7.19 -11.02 12.60
CA ASN A 33 7.36 -11.86 13.79
C ASN A 33 7.96 -13.20 13.39
N HIS A 34 9.02 -13.14 12.56
CA HIS A 34 9.76 -14.31 12.13
C HIS A 34 10.84 -14.58 13.17
N ARG A 35 10.41 -15.13 14.32
CA ARG A 35 11.21 -15.18 15.55
C ARG A 35 10.97 -16.54 16.18
N PRO A 36 11.85 -17.00 17.08
CA PRO A 36 11.64 -18.27 17.79
C PRO A 36 10.27 -18.32 18.47
N GLY A 37 9.55 -19.40 18.24
CA GLY A 37 8.25 -19.61 18.81
C GLY A 37 7.12 -18.99 18.02
N GLU A 38 7.45 -18.24 16.96
N GLU A 38 7.45 -18.22 16.97
CA GLU A 38 6.46 -17.38 16.30
CA GLU A 38 6.45 -17.38 16.31
C GLU A 38 6.35 -17.75 14.81
C GLU A 38 6.36 -17.74 14.81
N VAL A 39 7.13 -18.72 14.37
CA VAL A 39 6.98 -19.26 13.01
C VAL A 39 6.28 -20.61 13.18
N VAL A 40 4.95 -20.62 13.03
CA VAL A 40 4.11 -21.79 13.45
C VAL A 40 3.25 -22.28 12.27
N ASP A 41 3.37 -21.60 11.13
CA ASP A 41 2.68 -21.95 9.89
C ASP A 41 3.40 -21.20 8.77
N GLY A 42 2.83 -21.22 7.55
CA GLY A 42 3.47 -20.68 6.37
C GLY A 42 3.23 -19.19 6.17
N THR A 43 2.56 -18.53 7.12
CA THR A 43 2.07 -17.17 6.87
C THR A 43 3.18 -16.12 7.02
N ASN A 44 4.31 -16.46 7.65
CA ASN A 44 5.34 -15.44 7.87
C ASN A 44 6.73 -15.99 7.55
N THR A 45 6.80 -16.98 6.64
CA THR A 45 8.08 -17.54 6.22
C THR A 45 8.63 -16.78 5.01
N GLY A 46 7.76 -16.19 4.19
CA GLY A 46 8.14 -15.82 2.82
C GLY A 46 8.40 -17.07 2.00
N GLY A 47 9.01 -16.90 0.82
CA GLY A 47 9.24 -18.02 -0.10
C GLY A 47 10.40 -17.73 -1.04
N PHE A 48 11.03 -18.80 -1.52
CA PHE A 48 12.09 -18.77 -2.51
C PHE A 48 11.56 -19.20 -3.87
N ASN A 49 12.15 -18.62 -4.91
CA ASN A 49 11.91 -19.01 -6.28
C ASN A 49 13.23 -19.51 -6.87
N PRO A 50 13.36 -20.82 -7.10
CA PRO A 50 12.27 -21.78 -7.08
C PRO A 50 11.97 -22.40 -5.71
N GLY A 51 12.93 -22.33 -4.77
CA GLY A 51 12.70 -22.85 -3.42
C GLY A 51 12.81 -24.38 -3.43
N PRO A 52 12.59 -25.07 -2.29
CA PRO A 52 12.07 -24.45 -1.07
C PRO A 52 13.05 -23.58 -0.26
N PHE A 53 14.35 -23.83 -0.36
CA PHE A 53 15.34 -23.19 0.53
C PHE A 53 16.46 -22.48 -0.23
N ASP A 54 16.33 -22.41 -1.54
CA ASP A 54 17.30 -21.75 -2.42
C ASP A 54 16.53 -21.17 -3.59
N GLY A 55 17.04 -20.06 -4.11
CA GLY A 55 16.75 -19.67 -5.46
C GLY A 55 17.32 -18.32 -5.81
N THR A 56 16.81 -17.78 -6.93
CA THR A 56 17.27 -16.53 -7.48
C THR A 56 16.42 -15.40 -6.92
N GLN A 57 15.32 -15.73 -6.25
CA GLN A 57 14.51 -14.73 -5.53
C GLN A 57 14.08 -15.25 -4.15
N TYR A 58 13.98 -14.31 -3.21
CA TYR A 58 13.20 -14.45 -1.99
C TYR A 58 12.19 -13.30 -1.94
N ALA A 59 10.94 -13.62 -1.57
CA ALA A 59 9.91 -12.61 -1.43
C ALA A 59 9.07 -12.93 -0.20
N ILE A 60 8.53 -11.88 0.41
CA ILE A 60 7.69 -12.01 1.55
C ILE A 60 6.69 -10.85 1.57
N LYS A 61 5.46 -11.19 1.97
CA LYS A 61 4.39 -10.22 2.18
C LYS A 61 4.31 -9.86 3.66
N SER A 62 4.01 -8.59 3.94
CA SER A 62 3.65 -8.11 5.25
C SER A 62 2.46 -8.93 5.76
N THR A 63 2.40 -9.19 7.07
CA THR A 63 1.17 -9.75 7.70
C THR A 63 0.33 -8.62 8.29
N ALA A 64 0.75 -7.37 8.13
CA ALA A 64 0.07 -6.22 8.74
C ALA A 64 -0.58 -5.32 7.69
N SER A 65 -0.14 -5.46 6.43
CA SER A 65 -0.49 -4.56 5.36
C SER A 65 -0.26 -5.30 4.05
N ASP A 66 -0.40 -4.53 2.96
N ASP A 66 -0.43 -4.66 2.90
CA ASP A 66 -0.21 -4.97 1.59
CA ASP A 66 -0.09 -5.37 1.66
C ASP A 66 1.27 -4.95 1.19
C ASP A 66 1.28 -4.89 1.14
N ALA A 67 2.11 -4.33 2.02
CA ALA A 67 3.52 -4.14 1.68
C ALA A 67 4.16 -5.50 1.43
N ALA A 68 5.17 -5.50 0.55
CA ALA A 68 5.93 -6.71 0.22
C ALA A 68 7.31 -6.30 -0.30
N PHE A 69 8.24 -7.26 -0.29
CA PHE A 69 9.50 -7.04 -0.95
C PHE A 69 10.02 -8.30 -1.64
N VAL A 70 10.92 -8.06 -2.58
CA VAL A 70 11.56 -9.11 -3.34
C VAL A 70 13.06 -8.80 -3.33
N ALA A 71 13.84 -9.82 -2.99
CA ALA A 71 15.28 -9.81 -3.15
C ALA A 71 15.70 -10.77 -4.28
N ASP A 72 16.45 -10.24 -5.25
CA ASP A 72 16.94 -10.99 -6.42
C ASP A 72 18.45 -11.22 -6.26
N GLY A 73 18.88 -12.43 -6.57
CA GLY A 73 20.28 -12.79 -6.55
C GLY A 73 20.49 -14.28 -6.65
N ASN A 74 21.29 -14.80 -5.72
N ASN A 74 21.28 -14.83 -5.73
CA ASN A 74 21.58 -16.23 -5.62
CA ASN A 74 21.52 -16.26 -5.65
C ASN A 74 21.58 -16.59 -4.12
C ASN A 74 21.58 -16.62 -4.17
N LEU A 75 20.44 -17.07 -3.63
CA LEU A 75 20.16 -17.05 -2.18
C LEU A 75 19.96 -18.46 -1.66
N HIS A 76 20.40 -18.67 -0.42
CA HIS A 76 20.37 -19.96 0.27
C HIS A 76 19.96 -19.77 1.74
N TYR A 77 19.04 -20.60 2.22
CA TYR A 77 18.63 -20.58 3.61
C TYR A 77 18.96 -21.92 4.24
N THR A 78 19.64 -21.89 5.40
CA THR A 78 20.13 -23.10 6.04
C THR A 78 19.02 -23.84 6.80
N LEU A 79 17.89 -23.18 7.08
CA LEU A 79 16.83 -23.73 7.92
C LEU A 79 17.45 -24.24 9.25
N PHE A 80 17.39 -25.55 9.52
CA PHE A 80 17.83 -26.05 10.83
C PHE A 80 19.32 -26.44 10.81
N SER A 81 19.92 -26.45 9.63
CA SER A 81 21.30 -26.89 9.45
C SER A 81 22.25 -25.78 9.90
N ASN A 82 23.30 -26.19 10.61
CA ASN A 82 24.23 -25.28 11.26
C ASN A 82 25.03 -24.56 10.17
N PRO A 83 25.24 -23.23 10.26
CA PRO A 83 24.58 -22.33 11.19
C PRO A 83 23.11 -22.07 10.82
N SER A 84 22.23 -22.40 11.77
CA SER A 84 20.82 -22.49 11.58
C SER A 84 20.26 -21.10 11.28
N HIS A 85 19.21 -21.06 10.46
CA HIS A 85 18.45 -19.85 10.19
C HIS A 85 19.40 -18.74 9.72
N THR A 86 20.22 -19.08 8.75
CA THR A 86 21.09 -18.14 8.04
C THR A 86 20.65 -18.05 6.58
N LEU A 87 20.36 -16.82 6.14
CA LEU A 87 20.27 -16.52 4.74
C LEU A 87 21.63 -16.03 4.25
N TRP A 88 22.20 -16.72 3.26
CA TRP A 88 23.48 -16.36 2.72
C TRP A 88 23.43 -16.42 1.21
N GLY A 89 24.52 -15.98 0.57
CA GLY A 89 24.65 -15.93 -0.88
C GLY A 89 24.85 -14.51 -1.37
N SER A 90 24.21 -14.18 -2.49
CA SER A 90 24.38 -12.86 -3.09
C SER A 90 23.00 -12.26 -3.35
N VAL A 91 22.91 -10.95 -3.11
CA VAL A 91 21.78 -10.13 -3.48
C VAL A 91 22.25 -9.03 -4.43
N ASP A 92 21.60 -8.95 -5.59
CA ASP A 92 21.85 -7.95 -6.59
C ASP A 92 20.83 -6.82 -6.50
N THR A 93 19.57 -7.16 -6.19
CA THR A 93 18.47 -6.23 -6.26
C THR A 93 17.54 -6.42 -5.06
N ILE A 94 17.12 -5.31 -4.47
CA ILE A 94 16.01 -5.34 -3.53
C ILE A 94 14.94 -4.38 -4.04
N SER A 95 13.71 -4.89 -4.15
CA SER A 95 12.55 -4.07 -4.60
C SER A 95 11.51 -4.02 -3.48
N LEU A 96 11.07 -2.81 -3.15
CA LEU A 96 10.09 -2.56 -2.10
C LEU A 96 8.80 -2.01 -2.71
N GLY A 97 7.67 -2.38 -2.12
CA GLY A 97 6.42 -1.84 -2.54
C GLY A 97 5.23 -2.58 -1.95
N ASP A 98 4.23 -2.80 -2.80
CA ASP A 98 2.90 -3.34 -2.42
C ASP A 98 2.52 -4.43 -3.41
N THR A 99 1.65 -5.34 -2.95
CA THR A 99 0.87 -6.20 -3.84
C THR A 99 1.84 -7.15 -4.55
N LEU A 100 2.27 -8.18 -3.82
CA LEU A 100 3.16 -9.19 -4.37
C LEU A 100 2.38 -10.09 -5.32
N ALA A 101 3.01 -10.48 -6.42
CA ALA A 101 2.43 -11.43 -7.39
C ALA A 101 3.49 -12.47 -7.73
N GLY A 102 3.03 -13.57 -8.33
CA GLY A 102 3.94 -14.59 -8.85
C GLY A 102 4.35 -15.56 -7.77
N GLY A 103 5.40 -16.34 -8.03
CA GLY A 103 5.89 -17.35 -7.10
C GLY A 103 5.72 -18.76 -7.64
N SER A 104 4.68 -18.95 -8.47
CA SER A 104 4.14 -20.27 -8.82
C SER A 104 4.31 -20.54 -10.32
N GLY A 105 5.56 -20.59 -10.78
CA GLY A 105 5.89 -20.70 -12.20
C GLY A 105 6.32 -19.36 -12.78
N SER A 106 5.73 -18.30 -12.24
CA SER A 106 6.11 -16.93 -12.52
C SER A 106 7.19 -16.48 -11.51
N ASN A 107 8.01 -15.52 -11.92
CA ASN A 107 8.92 -14.85 -11.01
C ASN A 107 8.09 -14.01 -10.03
N TYR A 108 8.55 -13.90 -8.79
CA TYR A 108 7.96 -12.92 -7.91
C TYR A 108 8.09 -11.54 -8.56
N ASN A 109 7.07 -10.70 -8.39
CA ASN A 109 7.17 -9.29 -8.76
C ASN A 109 6.09 -8.53 -8.01
N LEU A 110 6.39 -7.25 -7.73
CA LEU A 110 5.43 -6.34 -7.11
C LEU A 110 4.63 -5.65 -8.20
N VAL A 111 3.31 -5.62 -8.02
CA VAL A 111 2.44 -4.94 -8.94
C VAL A 111 2.64 -3.44 -8.76
N SER A 112 2.84 -3.02 -7.50
N SER A 112 2.86 -3.03 -7.50
CA SER A 112 3.22 -1.64 -7.19
CA SER A 112 3.24 -1.66 -7.17
C SER A 112 4.67 -1.61 -6.67
C SER A 112 4.68 -1.63 -6.67
N GLN A 113 5.62 -1.57 -7.60
CA GLN A 113 7.03 -1.49 -7.28
C GLN A 113 7.38 -0.02 -7.01
N GLU A 114 7.54 0.33 -5.73
CA GLU A 114 7.70 1.71 -5.37
C GLU A 114 9.14 2.17 -5.58
N VAL A 115 10.09 1.32 -5.18
N VAL A 115 10.08 1.37 -5.08
CA VAL A 115 11.52 1.64 -5.19
CA VAL A 115 11.51 1.64 -5.24
C VAL A 115 12.30 0.34 -5.39
C VAL A 115 12.20 0.30 -5.53
N SER A 116 13.28 0.38 -6.29
CA SER A 116 14.15 -0.75 -6.51
C SER A 116 15.61 -0.30 -6.48
N PHE A 117 16.41 -1.04 -5.73
CA PHE A 117 17.83 -0.79 -5.61
C PHE A 117 18.58 -1.96 -6.25
N THR A 118 19.39 -1.68 -7.27
CA THR A 118 20.06 -2.74 -8.01
C THR A 118 21.57 -2.47 -8.12
N ASN A 119 22.30 -3.50 -8.57
CA ASN A 119 23.76 -3.55 -8.55
C ASN A 119 24.28 -3.43 -7.12
N LEU A 120 23.59 -4.04 -6.17
CA LEU A 120 23.96 -3.91 -4.81
C LEU A 120 25.27 -4.62 -4.52
N GLY A 121 25.60 -5.67 -5.30
CA GLY A 121 26.75 -6.55 -5.06
C GLY A 121 26.91 -6.98 -3.60
N LEU A 122 25.82 -7.32 -2.91
CA LEU A 122 25.93 -7.94 -1.59
C LEU A 122 26.30 -9.42 -1.77
N ASN A 123 27.19 -9.89 -0.90
N ASN A 123 27.24 -9.91 -0.96
CA ASN A 123 27.74 -11.24 -0.93
CA ASN A 123 27.65 -11.32 -0.98
C ASN A 123 28.06 -11.64 0.50
C ASN A 123 28.14 -11.71 0.41
N SER A 124 27.59 -12.81 0.93
CA SER A 124 27.86 -13.33 2.25
C SER A 124 28.07 -14.85 2.16
N LEU A 125 29.08 -15.35 2.86
CA LEU A 125 29.37 -16.78 2.93
C LEU A 125 28.50 -17.41 4.02
N LYS A 126 28.14 -18.69 3.83
CA LYS A 126 27.42 -19.47 4.83
C LYS A 126 28.10 -19.36 6.20
N GLU A 127 29.43 -19.41 6.20
CA GLU A 127 30.16 -19.57 7.46
C GLU A 127 30.04 -18.31 8.30
N GLU A 128 29.66 -17.18 7.69
CA GLU A 128 29.48 -15.94 8.45
C GLU A 128 28.25 -16.03 9.35
N GLY A 129 27.38 -17.01 9.09
CA GLY A 129 26.12 -17.14 9.81
C GLY A 129 25.28 -15.86 9.73
N ARG A 130 24.60 -15.57 10.83
CA ARG A 130 23.61 -14.51 10.90
C ARG A 130 24.31 -13.14 11.00
N ALA A 131 25.64 -13.12 10.97
CA ALA A 131 26.44 -11.87 10.95
C ALA A 131 26.67 -11.40 9.51
N GLY A 132 26.37 -12.27 8.52
CA GLY A 132 26.46 -11.92 7.10
C GLY A 132 25.59 -10.73 6.76
N GLU A 133 26.09 -9.88 5.83
N GLU A 133 26.07 -9.86 5.85
CA GLU A 133 25.41 -8.64 5.43
CA GLU A 133 25.35 -8.64 5.50
C GLU A 133 24.09 -8.99 4.73
C GLU A 133 24.03 -9.02 4.79
N VAL A 134 24.07 -10.07 3.96
CA VAL A 134 22.87 -10.50 3.25
C VAL A 134 21.77 -10.83 4.29
N HIS A 135 22.11 -11.66 5.26
CA HIS A 135 21.22 -12.02 6.34
C HIS A 135 20.67 -10.77 7.04
N LYS A 136 21.55 -9.85 7.45
CA LYS A 136 21.12 -8.74 8.29
C LYS A 136 20.20 -7.81 7.48
N VAL A 137 20.49 -7.65 6.19
CA VAL A 137 19.74 -6.76 5.36
C VAL A 137 18.31 -7.31 5.22
N VAL A 138 18.18 -8.57 4.81
CA VAL A 138 16.87 -9.10 4.54
C VAL A 138 16.10 -9.33 5.85
N TYR A 139 16.77 -9.89 6.87
CA TYR A 139 16.09 -10.18 8.12
C TYR A 139 15.61 -8.89 8.77
N GLY A 140 16.39 -7.81 8.61
CA GLY A 140 15.96 -6.52 9.08
C GLY A 140 14.63 -6.11 8.50
N LEU A 141 14.50 -6.24 7.18
CA LEU A 141 13.29 -5.84 6.51
C LEU A 141 12.11 -6.68 7.00
N MET A 142 12.34 -7.97 7.22
CA MET A 142 11.30 -8.90 7.69
C MET A 142 10.80 -8.47 9.08
N SER A 143 11.71 -7.88 9.87
N SER A 143 11.71 -7.89 9.87
CA SER A 143 11.56 -7.70 11.30
CA SER A 143 11.52 -7.72 11.32
C SER A 143 11.28 -6.25 11.67
C SER A 143 11.31 -6.24 11.67
N GLY A 144 11.02 -5.41 10.66
CA GLY A 144 10.61 -4.02 10.87
C GLY A 144 11.77 -3.10 11.16
N ASP A 145 12.96 -3.43 10.65
CA ASP A 145 14.16 -2.62 10.85
C ASP A 145 14.94 -2.50 9.53
N SER A 146 14.77 -1.36 8.84
CA SER A 146 15.43 -1.14 7.57
C SER A 146 16.84 -0.53 7.74
N SER A 147 17.40 -0.54 8.96
N SER A 147 17.36 -0.50 8.97
CA SER A 147 18.69 0.13 9.22
CA SER A 147 18.69 0.07 9.27
C SER A 147 19.86 -0.57 8.48
C SER A 147 19.77 -0.57 8.37
N ALA A 148 19.84 -1.90 8.38
CA ALA A 148 20.88 -2.60 7.66
C ALA A 148 20.81 -2.24 6.15
N LEU A 149 19.61 -2.28 5.55
CA LEU A 149 19.48 -1.92 4.14
C LEU A 149 19.95 -0.47 3.94
N ALA A 150 19.52 0.43 4.82
CA ALA A 150 19.83 1.86 4.73
C ALA A 150 21.35 2.03 4.72
N GLY A 151 22.04 1.35 5.63
CA GLY A 151 23.49 1.43 5.78
C GLY A 151 24.20 0.96 4.51
N GLU A 152 23.68 -0.10 3.90
CA GLU A 152 24.25 -0.64 2.67
C GLU A 152 24.06 0.33 1.49
N ILE A 153 22.85 0.88 1.35
N ILE A 153 22.84 0.87 1.36
CA ILE A 153 22.61 1.83 0.27
CA ILE A 153 22.55 1.85 0.31
C ILE A 153 23.47 3.07 0.50
C ILE A 153 23.47 3.05 0.50
N ASP A 154 23.60 3.48 1.77
CA ASP A 154 24.37 4.65 2.12
C ASP A 154 25.83 4.45 1.67
N ALA A 155 26.39 3.28 1.93
CA ALA A 155 27.78 2.99 1.59
C ALA A 155 27.95 2.96 0.06
N LEU A 156 26.98 2.39 -0.66
CA LEU A 156 27.06 2.31 -2.13
C LEU A 156 26.94 3.70 -2.76
N LEU A 157 26.11 4.56 -2.18
CA LEU A 157 25.93 5.93 -2.75
C LEU A 157 27.21 6.73 -2.53
N LYS A 158 27.76 6.62 -1.30
CA LYS A 158 28.94 7.36 -0.92
C LYS A 158 30.15 6.90 -1.73
N ALA A 159 30.18 5.62 -2.14
CA ALA A 159 31.24 5.06 -2.95
C ALA A 159 31.23 5.72 -4.34
N ILE A 160 30.07 6.19 -4.78
CA ILE A 160 30.01 6.94 -6.03
C ILE A 160 30.60 8.34 -5.78
N ASP A 161 30.10 9.01 -4.75
CA ASP A 161 30.58 10.33 -4.40
C ASP A 161 30.18 10.65 -2.97
N PRO A 162 31.08 11.25 -2.17
CA PRO A 162 30.78 11.49 -0.75
C PRO A 162 29.56 12.38 -0.52
N SER A 163 29.14 13.11 -1.56
N SER A 163 29.12 13.10 -1.55
CA SER A 163 28.00 14.03 -1.47
CA SER A 163 28.00 14.03 -1.41
C SER A 163 26.67 13.26 -1.52
C SER A 163 26.66 13.29 -1.59
N LEU A 164 26.69 12.03 -2.01
CA LEU A 164 25.46 11.23 -2.18
C LEU A 164 25.28 10.30 -0.98
N SER A 165 24.06 10.23 -0.47
CA SER A 165 23.77 9.48 0.78
C SER A 165 22.28 9.23 0.88
N VAL A 166 21.86 8.44 1.88
CA VAL A 166 20.44 8.12 2.03
C VAL A 166 19.65 9.35 2.47
N ASN A 167 20.32 10.44 2.86
CA ASN A 167 19.62 11.66 3.19
C ASN A 167 19.37 12.50 1.93
N SER A 168 19.82 12.05 0.77
CA SER A 168 19.38 12.66 -0.49
C SER A 168 17.95 12.21 -0.78
N THR A 169 17.17 13.05 -1.45
CA THR A 169 15.91 12.62 -2.05
C THR A 169 16.19 11.75 -3.29
N PHE A 170 15.17 10.98 -3.68
CA PHE A 170 15.23 10.26 -4.92
C PHE A 170 15.48 11.21 -6.09
N ASP A 171 14.79 12.36 -6.12
CA ASP A 171 14.98 13.38 -7.15
C ASP A 171 16.43 13.89 -7.13
N ASP A 172 16.99 14.14 -5.94
CA ASP A 172 18.43 14.50 -5.81
C ASP A 172 19.30 13.44 -6.51
N LEU A 173 18.99 12.17 -6.30
CA LEU A 173 19.82 11.09 -6.80
C LEU A 173 19.62 10.94 -8.33
N ALA A 174 18.43 11.27 -8.80
CA ALA A 174 18.15 11.34 -10.24
C ALA A 174 18.94 12.51 -10.88
N ALA A 175 19.00 13.65 -10.20
CA ALA A 175 19.81 14.77 -10.64
C ALA A 175 21.28 14.35 -10.79
N ALA A 176 21.76 13.44 -9.94
CA ALA A 176 23.14 13.00 -9.93
C ALA A 176 23.37 11.78 -10.81
N GLY A 177 22.33 11.34 -11.54
CA GLY A 177 22.48 10.28 -12.57
C GLY A 177 22.37 8.85 -12.03
N VAL A 178 22.03 8.71 -10.75
CA VAL A 178 22.10 7.42 -10.07
C VAL A 178 20.72 6.76 -9.96
N ALA A 179 19.66 7.57 -9.96
CA ALA A 179 18.30 7.12 -9.81
C ALA A 179 17.52 7.55 -11.04
N HIS A 180 16.35 6.93 -11.23
N HIS A 180 16.44 6.81 -11.33
CA HIS A 180 15.59 6.98 -12.47
CA HIS A 180 15.57 7.14 -12.44
C HIS A 180 14.11 6.77 -12.11
C HIS A 180 14.13 6.86 -12.01
N VAL A 181 13.21 7.68 -12.53
CA VAL A 181 11.79 7.50 -12.33
C VAL A 181 11.31 6.30 -13.14
N ASN A 182 10.42 5.49 -12.57
CA ASN A 182 9.59 4.50 -13.29
C ASN A 182 8.56 5.16 -14.19
N PRO A 183 8.43 4.72 -15.46
CA PRO A 183 7.16 4.80 -16.18
C PRO A 183 6.10 3.86 -15.57
N MET B 3 -30.06 -4.73 1.18
CA MET B 3 -30.45 -3.43 1.76
C MET B 3 -29.60 -3.14 3.01
N SER B 4 -29.25 -4.19 3.79
CA SER B 4 -28.34 -4.06 4.94
C SER B 4 -26.89 -3.90 4.46
N ILE B 5 -26.13 -3.05 5.15
CA ILE B 5 -24.72 -2.90 4.79
C ILE B 5 -24.06 -4.28 4.79
N SER B 6 -23.17 -4.49 3.83
CA SER B 6 -22.33 -5.66 3.77
C SER B 6 -20.88 -5.23 3.50
N ILE B 7 -19.95 -5.89 4.17
CA ILE B 7 -18.54 -5.48 4.20
C ILE B 7 -17.67 -6.68 3.79
N SER B 8 -16.75 -6.45 2.85
N SER B 8 -16.69 -6.45 2.92
CA SER B 8 -15.63 -7.36 2.57
CA SER B 8 -15.66 -7.45 2.63
C SER B 8 -14.38 -6.80 3.23
C SER B 8 -14.29 -6.86 2.96
N TYR B 9 -13.46 -7.68 3.60
CA TYR B 9 -12.20 -7.25 4.13
C TYR B 9 -11.13 -8.30 3.90
N SER B 10 -9.92 -7.83 3.66
CA SER B 10 -8.73 -8.67 3.68
C SER B 10 -8.51 -9.16 5.11
N ALA B 11 -8.23 -10.47 5.26
CA ALA B 11 -8.00 -11.12 6.57
C ALA B 11 -6.97 -10.34 7.40
N THR B 12 -6.05 -9.68 6.70
CA THR B 12 -5.01 -8.89 7.33
C THR B 12 -5.58 -7.97 8.41
N TYR B 13 -6.79 -7.43 8.19
CA TYR B 13 -7.37 -6.37 9.02
C TYR B 13 -8.45 -6.92 9.97
N GLY B 14 -8.55 -8.25 10.10
CA GLY B 14 -9.61 -8.86 10.91
C GLY B 14 -9.69 -8.31 12.32
N GLY B 15 -8.52 -7.98 12.88
CA GLY B 15 -8.43 -7.56 14.28
C GLY B 15 -8.58 -6.04 14.46
N ASN B 16 -8.58 -5.31 13.34
N ASN B 16 -8.64 -5.30 13.35
CA ASN B 16 -8.79 -3.85 13.33
CA ASN B 16 -8.72 -3.83 13.43
C ASN B 16 -10.25 -3.52 13.63
C ASN B 16 -10.19 -3.42 13.53
N THR B 17 -10.49 -2.45 14.39
CA THR B 17 -11.80 -1.79 14.40
C THR B 17 -11.99 -1.08 13.03
N VAL B 18 -13.24 -0.96 12.61
CA VAL B 18 -13.53 -0.24 11.37
C VAL B 18 -12.97 1.18 11.50
N ALA B 19 -13.27 1.84 12.63
CA ALA B 19 -12.85 3.24 12.89
C ALA B 19 -11.33 3.39 12.77
N GLN B 20 -10.59 2.45 13.36
CA GLN B 20 -9.14 2.52 13.33
C GLN B 20 -8.60 2.24 11.92
N TYR B 21 -9.20 1.28 11.19
CA TYR B 21 -8.76 1.01 9.81
C TYR B 21 -8.95 2.28 8.95
N LEU B 22 -10.04 2.99 9.16
CA LEU B 22 -10.39 4.12 8.30
C LEU B 22 -9.42 5.28 8.58
N THR B 23 -9.16 5.52 9.86
CA THR B 23 -8.15 6.46 10.34
C THR B 23 -6.79 6.17 9.71
N ASP B 24 -6.36 4.91 9.81
CA ASP B 24 -5.08 4.48 9.29
C ASP B 24 -5.04 4.63 7.77
N TRP B 25 -6.08 4.16 7.07
CA TRP B 25 -6.10 4.24 5.62
C TRP B 25 -6.06 5.71 5.18
N SER B 26 -6.82 6.57 5.84
N SER B 26 -6.79 6.57 5.87
CA SER B 26 -6.85 8.02 5.52
CA SER B 26 -6.86 8.01 5.55
C SER B 26 -5.45 8.64 5.70
C SER B 26 -5.49 8.67 5.73
N ALA B 27 -4.75 8.23 6.76
CA ALA B 27 -3.37 8.73 7.04
C ALA B 27 -2.45 8.31 5.89
N TYR B 28 -2.67 7.10 5.37
CA TYR B 28 -1.84 6.55 4.33
C TYR B 28 -2.19 7.16 2.96
N PHE B 29 -3.48 7.38 2.69
CA PHE B 29 -3.91 8.02 1.45
C PHE B 29 -3.49 9.49 1.48
N GLY B 30 -3.65 10.08 2.64
CA GLY B 30 -3.28 11.45 2.87
C GLY B 30 -4.33 12.39 2.30
N ASP B 31 -3.86 13.49 1.72
CA ASP B 31 -4.72 14.56 1.23
C ASP B 31 -4.24 14.90 -0.19
N VAL B 32 -5.09 14.76 -1.21
CA VAL B 32 -4.63 15.02 -2.58
C VAL B 32 -4.61 16.52 -2.89
N ASN B 33 -5.02 17.36 -1.93
CA ASN B 33 -4.94 18.83 -2.04
C ASN B 33 -5.87 19.31 -3.16
N HIS B 34 -7.09 18.77 -3.16
CA HIS B 34 -8.10 19.10 -4.12
C HIS B 34 -8.91 20.28 -3.61
N ARG B 35 -8.37 21.48 -3.84
CA ARG B 35 -8.78 22.71 -3.18
C ARG B 35 -8.55 23.86 -4.15
N PRO B 36 -9.17 25.03 -3.91
CA PRO B 36 -9.01 26.18 -4.79
C PRO B 36 -7.52 26.52 -4.95
N GLY B 37 -7.08 26.65 -6.20
CA GLY B 37 -5.71 27.03 -6.50
C GLY B 37 -4.74 25.87 -6.47
N GLU B 38 -5.20 24.66 -6.13
N GLU B 38 -5.21 24.66 -6.15
CA GLU B 38 -4.28 23.52 -5.96
CA GLU B 38 -4.33 23.51 -5.94
C GLU B 38 -4.67 22.37 -6.91
C GLU B 38 -4.65 22.39 -6.93
N VAL B 39 -5.71 22.56 -7.73
CA VAL B 39 -6.02 21.65 -8.83
C VAL B 39 -5.59 22.35 -10.11
N VAL B 40 -4.37 22.05 -10.56
CA VAL B 40 -3.66 22.86 -11.54
C VAL B 40 -3.24 21.97 -12.72
N ASP B 41 -3.57 20.68 -12.62
CA ASP B 41 -3.36 19.70 -13.65
C ASP B 41 -4.21 18.47 -13.29
N GLY B 42 -3.97 17.35 -13.98
CA GLY B 42 -4.86 16.19 -13.90
C GLY B 42 -4.44 15.23 -12.81
N THR B 43 -3.41 15.58 -12.04
CA THR B 43 -2.79 14.61 -11.18
C THR B 43 -3.61 14.42 -9.88
N ASN B 44 -4.54 15.33 -9.58
CA ASN B 44 -5.28 15.19 -8.30
C ASN B 44 -6.78 15.42 -8.48
N THR B 45 -7.30 15.12 -9.67
CA THR B 45 -8.74 15.25 -9.93
C THR B 45 -9.47 13.93 -9.65
N GLY B 46 -8.79 12.79 -9.77
CA GLY B 46 -9.48 11.51 -9.93
C GLY B 46 -10.13 11.42 -11.30
N GLY B 47 -10.98 10.42 -11.50
CA GLY B 47 -11.71 10.25 -12.75
C GLY B 47 -13.04 9.54 -12.57
N PHE B 48 -13.95 9.83 -13.50
CA PHE B 48 -15.22 9.15 -13.58
C PHE B 48 -15.21 8.10 -14.68
N ASN B 49 -15.97 7.03 -14.48
CA ASN B 49 -16.21 6.00 -15.49
C ASN B 49 -17.71 5.93 -15.75
N PRO B 50 -18.17 6.40 -16.91
CA PRO B 50 -17.37 6.67 -18.10
C PRO B 50 -16.73 8.06 -18.14
N GLY B 51 -17.34 9.03 -17.44
CA GLY B 51 -16.83 10.39 -17.38
C GLY B 51 -17.20 11.17 -18.65
N PRO B 52 -16.78 12.43 -18.81
CA PRO B 52 -15.84 13.09 -17.89
C PRO B 52 -16.36 13.57 -16.54
N PHE B 53 -17.66 13.86 -16.44
CA PHE B 53 -18.24 14.47 -15.22
C PHE B 53 -19.35 13.63 -14.59
N ASP B 54 -19.59 12.43 -15.11
CA ASP B 54 -20.66 11.56 -14.66
C ASP B 54 -20.23 10.12 -14.86
N GLY B 55 -20.78 9.21 -14.05
CA GLY B 55 -20.46 7.83 -14.23
C GLY B 55 -21.04 6.94 -13.16
N THR B 56 -20.80 5.63 -13.33
CA THR B 56 -21.16 4.59 -12.39
C THR B 56 -20.02 4.40 -11.40
N GLN B 57 -18.84 4.98 -11.71
CA GLN B 57 -17.73 4.96 -10.77
C GLN B 57 -16.97 6.31 -10.77
N TYR B 58 -16.45 6.64 -9.59
CA TYR B 58 -15.40 7.61 -9.40
C TYR B 58 -14.24 6.95 -8.65
N ALA B 59 -13.01 7.21 -9.10
CA ALA B 59 -11.82 6.67 -8.46
C ALA B 59 -10.72 7.71 -8.44
N ILE B 60 -9.85 7.61 -7.44
CA ILE B 60 -8.75 8.51 -7.33
C ILE B 60 -7.59 7.81 -6.62
N LYS B 61 -6.37 8.13 -7.08
CA LYS B 61 -5.11 7.68 -6.53
C LYS B 61 -4.57 8.72 -5.54
N SER B 62 -4.05 8.24 -4.40
CA SER B 62 -3.23 9.08 -3.50
C SER B 62 -2.09 9.71 -4.32
N THR B 63 -1.70 10.93 -3.98
CA THR B 63 -0.46 11.51 -4.50
C THR B 63 0.67 11.37 -3.48
N ALA B 64 0.38 10.81 -2.30
CA ALA B 64 1.42 10.56 -1.26
C ALA B 64 1.88 9.09 -1.27
N SER B 65 1.00 8.19 -1.71
CA SER B 65 1.22 6.76 -1.53
C SER B 65 0.58 5.97 -2.67
N ASP B 66 0.57 4.65 -2.47
CA ASP B 66 -0.04 3.68 -3.37
C ASP B 66 -1.57 3.60 -3.14
N ALA B 67 -2.07 4.21 -2.07
CA ALA B 67 -3.49 4.09 -1.69
C ALA B 67 -4.38 4.68 -2.80
N ALA B 68 -5.57 4.10 -2.93
CA ALA B 68 -6.58 4.53 -3.85
C ALA B 68 -7.98 4.12 -3.33
N PHE B 69 -9.02 4.73 -3.88
CA PHE B 69 -10.37 4.27 -3.59
C PHE B 69 -11.25 4.38 -4.83
N VAL B 70 -12.31 3.56 -4.81
CA VAL B 70 -13.33 3.54 -5.83
C VAL B 70 -14.70 3.66 -5.14
N ALA B 71 -15.51 4.58 -5.66
CA ALA B 71 -16.91 4.71 -5.28
C ALA B 71 -17.77 4.28 -6.47
N ASP B 72 -18.73 3.38 -6.22
CA ASP B 72 -19.63 2.89 -7.26
C ASP B 72 -21.04 3.37 -6.96
N GLY B 73 -21.74 3.78 -8.02
CA GLY B 73 -23.14 4.13 -7.93
C GLY B 73 -23.60 4.80 -9.21
N ASN B 74 -24.21 5.96 -9.05
N ASN B 74 -24.15 6.00 -9.06
CA ASN B 74 -24.69 6.81 -10.13
CA ASN B 74 -24.57 6.82 -10.17
C ASN B 74 -24.33 8.25 -9.76
C ASN B 74 -24.21 8.27 -9.83
N LEU B 75 -23.23 8.76 -10.32
N LEU B 75 -23.05 8.71 -10.31
CA LEU B 75 -22.54 9.91 -9.76
CA LEU B 75 -22.38 9.90 -9.80
C LEU B 75 -22.48 11.01 -10.82
C LEU B 75 -22.49 11.02 -10.83
N HIS B 76 -22.58 12.26 -10.35
CA HIS B 76 -22.52 13.46 -11.19
C HIS B 76 -21.70 14.55 -10.49
N TYR B 77 -20.86 15.27 -11.28
CA TYR B 77 -20.06 16.36 -10.76
C TYR B 77 -20.40 17.66 -11.49
N THR B 78 -20.60 18.75 -10.73
CA THR B 78 -21.09 20.00 -11.29
C THR B 78 -19.94 20.84 -11.87
N LEU B 79 -18.69 20.51 -11.53
CA LEU B 79 -17.55 21.31 -11.95
C LEU B 79 -17.81 22.78 -11.61
N PHE B 80 -17.93 23.68 -12.60
CA PHE B 80 -17.99 25.10 -12.31
C PHE B 80 -19.44 25.57 -12.18
N SER B 81 -20.41 24.69 -12.43
CA SER B 81 -21.85 25.06 -12.47
C SER B 81 -22.46 25.08 -11.06
N ASN B 82 -23.46 25.93 -10.85
N ASN B 82 -23.48 25.91 -10.84
CA ASN B 82 -24.13 26.10 -9.55
CA ASN B 82 -24.05 26.12 -9.51
C ASN B 82 -24.80 24.78 -9.16
C ASN B 82 -24.89 24.92 -9.09
N PRO B 83 -24.66 24.28 -7.92
CA PRO B 83 -23.60 24.68 -6.98
C PRO B 83 -22.24 24.06 -7.30
N SER B 84 -21.22 24.92 -7.29
CA SER B 84 -19.94 24.60 -7.88
C SER B 84 -19.27 23.48 -7.08
N HIS B 85 -18.60 22.59 -7.81
CA HIS B 85 -17.78 21.54 -7.26
C HIS B 85 -18.56 20.71 -6.26
N THR B 86 -19.71 20.23 -6.71
CA THR B 86 -20.56 19.34 -5.97
C THR B 86 -20.59 17.97 -6.68
N LEU B 87 -20.25 16.92 -5.93
CA LEU B 87 -20.53 15.54 -6.28
C LEU B 87 -21.88 15.12 -5.69
N TRP B 88 -22.81 14.67 -6.56
CA TRP B 88 -24.13 14.26 -6.12
C TRP B 88 -24.56 13.00 -6.88
N GLY B 89 -25.69 12.43 -6.45
CA GLY B 89 -26.23 11.22 -7.00
C GLY B 89 -26.32 10.15 -5.92
N SER B 90 -25.86 8.95 -6.24
CA SER B 90 -26.01 7.82 -5.34
C SER B 90 -24.68 7.05 -5.28
N VAL B 91 -24.31 6.66 -4.06
CA VAL B 91 -23.20 5.76 -3.82
C VAL B 91 -23.73 4.49 -3.15
N ASP B 92 -23.45 3.35 -3.79
CA ASP B 92 -23.81 2.04 -3.24
C ASP B 92 -22.62 1.37 -2.53
N THR B 93 -21.42 1.61 -3.05
CA THR B 93 -20.19 0.91 -2.63
C THR B 93 -19.00 1.88 -2.57
N ILE B 94 -18.19 1.72 -1.53
N ILE B 94 -18.21 1.74 -1.50
CA ILE B 94 -16.90 2.39 -1.45
CA ILE B 94 -16.92 2.37 -1.33
C ILE B 94 -15.85 1.35 -1.06
C ILE B 94 -15.90 1.26 -1.11
N SER B 95 -14.86 1.19 -1.97
CA SER B 95 -13.79 0.24 -1.83
C SER B 95 -12.47 0.99 -1.56
N LEU B 96 -11.79 0.61 -0.48
CA LEU B 96 -10.52 1.21 -0.04
C LEU B 96 -9.39 0.19 -0.19
N GLY B 97 -8.23 0.66 -0.65
CA GLY B 97 -7.08 -0.21 -0.75
C GLY B 97 -5.92 0.49 -1.42
N ASP B 98 -5.26 -0.26 -2.31
CA ASP B 98 -4.01 0.11 -2.97
C ASP B 98 -4.12 -0.33 -4.42
N THR B 99 -3.36 0.35 -5.28
CA THR B 99 -3.00 -0.12 -6.60
C THR B 99 -4.25 -0.10 -7.49
N LEU B 100 -4.60 1.11 -7.94
CA LEU B 100 -5.74 1.29 -8.78
C LEU B 100 -5.43 0.80 -10.19
N ALA B 101 -6.42 0.16 -10.83
CA ALA B 101 -6.34 -0.22 -12.23
C ALA B 101 -7.64 0.15 -12.93
N GLY B 102 -7.62 0.06 -14.27
CA GLY B 102 -8.78 0.25 -15.09
C GLY B 102 -9.02 1.72 -15.32
N GLY B 103 -10.22 2.05 -15.82
CA GLY B 103 -10.64 3.44 -16.04
C GLY B 103 -10.68 3.81 -17.52
N SER B 104 -9.94 3.08 -18.35
CA SER B 104 -9.85 3.35 -19.80
C SER B 104 -10.22 2.11 -20.59
N GLY B 105 -11.52 1.86 -20.73
CA GLY B 105 -12.04 0.64 -21.35
C GLY B 105 -12.82 -0.20 -20.36
N SER B 106 -12.17 -0.54 -19.24
CA SER B 106 -12.78 -1.40 -18.23
C SER B 106 -13.05 -0.59 -16.96
N ASN B 107 -13.66 -1.26 -15.97
CA ASN B 107 -14.05 -0.63 -14.75
C ASN B 107 -12.80 -0.35 -13.92
N TYR B 108 -12.85 0.73 -13.14
CA TYR B 108 -11.89 0.92 -12.08
C TYR B 108 -11.99 -0.25 -11.10
N ASN B 109 -10.85 -0.72 -10.62
CA ASN B 109 -10.78 -1.73 -9.58
C ASN B 109 -9.44 -1.60 -8.86
N LEU B 110 -9.44 -1.95 -7.58
CA LEU B 110 -8.24 -2.01 -6.79
C LEU B 110 -7.62 -3.40 -6.94
N VAL B 111 -6.34 -3.45 -7.30
CA VAL B 111 -5.68 -4.74 -7.35
C VAL B 111 -5.55 -5.28 -5.93
N SER B 112 -5.32 -4.39 -4.97
CA SER B 112 -5.38 -4.77 -3.56
C SER B 112 -6.57 -4.09 -2.88
N GLN B 113 -7.72 -4.74 -2.93
CA GLN B 113 -8.92 -4.24 -2.27
C GLN B 113 -8.88 -4.68 -0.81
N GLU B 114 -8.64 -3.74 0.12
CA GLU B 114 -8.44 -4.09 1.50
C GLU B 114 -9.78 -4.22 2.23
N VAL B 115 -10.70 -3.32 1.91
N VAL B 115 -10.66 -3.23 2.05
CA VAL B 115 -12.00 -3.24 2.56
CA VAL B 115 -12.01 -3.27 2.55
C VAL B 115 -13.01 -2.65 1.58
C VAL B 115 -12.95 -2.79 1.45
N SER B 116 -14.21 -3.25 1.53
CA SER B 116 -15.28 -2.72 0.70
C SER B 116 -16.58 -2.69 1.51
N PHE B 117 -17.26 -1.54 1.45
CA PHE B 117 -18.55 -1.33 2.09
C PHE B 117 -19.60 -1.21 0.99
N THR B 118 -20.59 -2.10 1.00
CA THR B 118 -21.62 -2.10 -0.03
C THR B 118 -23.02 -2.01 0.61
N ASN B 119 -23.99 -1.71 -0.26
CA ASN B 119 -25.37 -1.40 0.10
C ASN B 119 -25.42 -0.17 1.02
N LEU B 120 -24.59 0.84 0.72
CA LEU B 120 -24.52 2.03 1.57
C LEU B 120 -25.80 2.85 1.49
N GLY B 121 -26.51 2.75 0.37
CA GLY B 121 -27.74 3.52 0.12
C GLY B 121 -27.56 5.03 0.28
N LEU B 122 -26.38 5.56 -0.08
CA LEU B 122 -26.16 7.01 -0.03
C LEU B 122 -26.81 7.65 -1.25
N ASN B 123 -27.53 8.74 -1.04
CA ASN B 123 -28.23 9.46 -2.11
C ASN B 123 -28.27 10.94 -1.75
N SER B 124 -27.95 11.80 -2.71
CA SER B 124 -27.91 13.26 -2.49
C SER B 124 -28.40 13.94 -3.76
N LEU B 125 -29.16 15.02 -3.58
CA LEU B 125 -29.66 15.81 -4.68
C LEU B 125 -28.62 16.86 -5.03
N LYS B 126 -28.61 17.28 -6.29
CA LYS B 126 -27.72 18.32 -6.73
C LYS B 126 -27.90 19.56 -5.86
N GLU B 127 -29.15 19.90 -5.52
CA GLU B 127 -29.46 21.17 -4.85
C GLU B 127 -28.88 21.20 -3.43
N GLU B 128 -28.54 20.04 -2.85
CA GLU B 128 -27.93 20.06 -1.52
C GLU B 128 -26.49 20.58 -1.56
N GLY B 129 -25.89 20.57 -2.75
CA GLY B 129 -24.55 21.07 -2.92
C GLY B 129 -23.57 20.25 -2.10
N ARG B 130 -22.57 20.94 -1.55
CA ARG B 130 -21.45 20.32 -0.89
C ARG B 130 -21.85 19.81 0.52
N ALA B 131 -23.09 20.07 0.92
CA ALA B 131 -23.67 19.61 2.18
C ALA B 131 -24.33 18.24 2.00
N GLY B 132 -24.41 17.73 0.78
CA GLY B 132 -24.97 16.42 0.53
C GLY B 132 -24.10 15.30 1.09
N GLU B 133 -24.71 14.18 1.47
CA GLU B 133 -23.95 13.12 2.14
C GLU B 133 -22.98 12.47 1.15
N VAL B 134 -23.36 12.34 -0.12
CA VAL B 134 -22.48 11.72 -1.09
C VAL B 134 -21.22 12.57 -1.25
N HIS B 135 -21.39 13.89 -1.35
CA HIS B 135 -20.26 14.81 -1.47
C HIS B 135 -19.32 14.70 -0.26
N LYS B 136 -19.87 14.75 0.94
N LYS B 136 -19.87 14.75 0.94
CA LYS B 136 -19.04 14.80 2.16
CA LYS B 136 -19.06 14.79 2.16
C LYS B 136 -18.24 13.50 2.31
C LYS B 136 -18.25 13.49 2.30
N VAL B 137 -18.88 12.36 1.98
CA VAL B 137 -18.20 11.09 2.15
C VAL B 137 -16.98 11.04 1.23
N VAL B 138 -17.19 11.29 -0.05
CA VAL B 138 -16.15 11.15 -1.05
C VAL B 138 -15.09 12.27 -0.89
N TYR B 139 -15.53 13.53 -0.71
CA TYR B 139 -14.54 14.60 -0.58
C TYR B 139 -13.70 14.40 0.68
N GLY B 140 -14.33 13.86 1.74
CA GLY B 140 -13.58 13.55 2.95
C GLY B 140 -12.42 12.60 2.68
N LEU B 141 -12.71 11.53 1.92
CA LEU B 141 -11.71 10.52 1.63
C LEU B 141 -10.59 11.14 0.79
N MET B 142 -10.97 12.03 -0.13
CA MET B 142 -10.02 12.69 -1.01
C MET B 142 -9.06 13.57 -0.19
N SER B 143 -9.53 14.07 0.96
CA SER B 143 -8.88 15.20 1.58
C SER B 143 -8.39 14.90 3.00
N GLY B 144 -8.32 13.61 3.37
CA GLY B 144 -7.73 13.16 4.66
C GLY B 144 -8.70 13.20 5.84
N ASP B 145 -10.01 13.13 5.57
CA ASP B 145 -11.03 13.10 6.59
C ASP B 145 -12.05 11.99 6.28
N SER B 146 -11.91 10.84 6.94
CA SER B 146 -12.80 9.69 6.74
C SER B 146 -14.02 9.74 7.68
N SER B 147 -14.22 10.87 8.37
N SER B 147 -14.24 10.87 8.37
CA SER B 147 -15.24 10.99 9.43
CA SER B 147 -15.23 10.93 9.45
C SER B 147 -16.64 10.78 8.86
C SER B 147 -16.65 10.80 8.88
N ALA B 148 -16.91 11.38 7.70
CA ALA B 148 -18.24 11.30 7.14
C ALA B 148 -18.55 9.84 6.78
N LEU B 149 -17.60 9.14 6.15
CA LEU B 149 -17.76 7.70 5.86
C LEU B 149 -18.00 6.93 7.17
N ALA B 150 -17.16 7.19 8.16
CA ALA B 150 -17.23 6.46 9.42
C ALA B 150 -18.64 6.62 10.02
N GLY B 151 -19.17 7.85 9.95
CA GLY B 151 -20.48 8.15 10.49
C GLY B 151 -21.61 7.42 9.77
N GLU B 152 -21.50 7.34 8.45
CA GLU B 152 -22.48 6.61 7.64
C GLU B 152 -22.45 5.11 7.93
N ILE B 153 -21.26 4.52 8.02
N ILE B 153 -21.25 4.53 8.01
CA ILE B 153 -21.14 3.08 8.35
CA ILE B 153 -21.06 3.12 8.36
C ILE B 153 -21.70 2.85 9.76
C ILE B 153 -21.66 2.85 9.75
N ASP B 154 -21.36 3.75 10.69
CA ASP B 154 -21.82 3.63 12.04
C ASP B 154 -23.35 3.58 12.11
N ALA B 155 -24.03 4.45 11.36
CA ALA B 155 -25.49 4.50 11.32
C ALA B 155 -26.05 3.19 10.74
N LEU B 156 -25.46 2.70 9.65
CA LEU B 156 -25.93 1.49 8.96
C LEU B 156 -25.73 0.25 9.86
N LEU B 157 -24.62 0.18 10.59
CA LEU B 157 -24.36 -0.95 11.49
C LEU B 157 -25.37 -0.93 12.64
N LYS B 158 -25.62 0.26 13.18
CA LYS B 158 -26.53 0.39 14.31
C LYS B 158 -27.97 0.04 13.90
N ALA B 159 -28.33 0.31 12.65
CA ALA B 159 -29.63 -0.10 12.12
C ALA B 159 -29.77 -1.63 12.12
N ILE B 160 -28.65 -2.36 12.05
CA ILE B 160 -28.73 -3.80 12.12
C ILE B 160 -28.91 -4.21 13.59
N ASP B 161 -28.01 -3.71 14.45
CA ASP B 161 -28.17 -3.88 15.88
C ASP B 161 -27.39 -2.80 16.62
N PRO B 162 -27.99 -2.18 17.67
CA PRO B 162 -27.34 -1.10 18.40
C PRO B 162 -25.95 -1.49 18.92
N SER B 163 -25.70 -2.78 19.10
CA SER B 163 -24.42 -3.25 19.66
C SER B 163 -23.29 -3.23 18.62
N LEU B 164 -23.64 -3.07 17.34
CA LEU B 164 -22.62 -3.05 16.25
C LEU B 164 -22.27 -1.59 15.95
N SER B 165 -20.99 -1.30 15.71
CA SER B 165 -20.56 0.09 15.47
C SER B 165 -19.23 0.06 14.72
N VAL B 166 -18.73 1.24 14.34
CA VAL B 166 -17.39 1.34 13.72
C VAL B 166 -16.30 0.98 14.74
N ASN B 167 -16.65 0.86 16.01
CA ASN B 167 -15.66 0.41 16.98
C ASN B 167 -15.65 -1.12 17.07
N SER B 168 -16.56 -1.80 16.37
CA SER B 168 -16.43 -3.26 16.15
C SER B 168 -15.23 -3.55 15.24
N THR B 169 -14.55 -4.68 15.47
CA THR B 169 -13.53 -5.18 14.54
C THR B 169 -14.22 -5.80 13.32
N PHE B 170 -13.46 -5.93 12.23
CA PHE B 170 -13.95 -6.58 11.06
C PHE B 170 -14.37 -8.01 11.39
N ASP B 171 -13.55 -8.71 12.18
CA ASP B 171 -13.87 -10.10 12.58
C ASP B 171 -15.19 -10.14 13.39
N ASP B 172 -15.40 -9.18 14.30
CA ASP B 172 -16.63 -9.06 15.09
C ASP B 172 -17.86 -8.93 14.17
N LEU B 173 -17.70 -8.17 13.08
CA LEU B 173 -18.78 -7.90 12.15
C LEU B 173 -19.02 -9.13 11.27
N ALA B 174 -17.97 -9.92 11.02
CA ALA B 174 -18.11 -11.18 10.30
C ALA B 174 -18.85 -12.19 11.18
N ALA B 175 -18.51 -12.19 12.48
CA ALA B 175 -19.19 -13.01 13.48
C ALA B 175 -20.69 -12.65 13.51
N ALA B 176 -21.02 -11.36 13.32
CA ALA B 176 -22.41 -10.94 13.33
C ALA B 176 -23.09 -11.06 11.95
N GLY B 177 -22.39 -11.62 10.95
CA GLY B 177 -22.98 -11.96 9.65
C GLY B 177 -22.98 -10.80 8.65
N VAL B 178 -22.31 -9.70 9.01
CA VAL B 178 -22.33 -8.42 8.28
C VAL B 178 -21.11 -8.31 7.35
N ALA B 179 -19.96 -8.85 7.79
CA ALA B 179 -18.72 -8.76 7.06
C ALA B 179 -18.30 -10.17 6.65
N HIS B 180 -17.40 -10.25 5.66
N HIS B 180 -17.55 -10.26 5.54
CA HIS B 180 -17.00 -11.48 5.00
CA HIS B 180 -16.91 -11.47 5.12
C HIS B 180 -15.54 -11.32 4.53
C HIS B 180 -15.47 -11.14 4.76
N VAL B 181 -14.62 -12.19 4.98
N VAL B 181 -14.57 -12.11 4.98
CA VAL B 181 -13.23 -12.16 4.51
CA VAL B 181 -13.20 -12.08 4.48
C VAL B 181 -13.23 -12.31 2.98
C VAL B 181 -13.23 -12.24 2.95
N ASN B 182 -12.43 -11.47 2.31
N ASN B 182 -12.45 -11.42 2.24
CA ASN B 182 -12.27 -11.53 0.87
CA ASN B 182 -12.34 -11.54 0.80
C ASN B 182 -11.21 -12.57 0.56
C ASN B 182 -11.22 -12.51 0.49
N PRO B 183 -11.49 -13.58 -0.29
CA PRO B 183 -10.47 -14.58 -0.64
C PRO B 183 -9.43 -14.03 -1.62
#